data_8ULE
#
_entry.id   8ULE
#
_cell.length_a   94.037
_cell.length_b   64.261
_cell.length_c   66.273
_cell.angle_alpha   90.00
_cell.angle_beta   102.70
_cell.angle_gamma   90.00
#
_symmetry.space_group_name_H-M   'C 1 2 1'
#
loop_
_entity.id
_entity.type
_entity.pdbx_description
1 polymer Sialidase
2 non-polymer '9-O-acetyl-5-acetamido-3,5-dideoxy-D-glycero-alpha-D-galacto-non-2-ulopyranosonic acid'
3 non-polymer 1,2-ETHANEDIOL
4 water water
#
_entity_poly.entity_id   1
_entity_poly.type   'polypeptide(L)'
_entity_poly.pdbx_seq_one_letter_code
;HMCNKNNTFEKNLDISHKPEPLILFNKDNNIWNSKYFRIPNIQLLNDGTILTFSDIRYNGPDDHAYIDIASARSTDFGKT
WSYDIAMKNNRIDSTYSRVMDSTTVITNTGRIILIAGSWNTNGNWAMTTSTRRSDWSVQMIYSDDNGLTWSNKIDLTKDS
SKVKNQPSNTIGWLGGVGSGIVMDDGTIVMPAQISLRENNENNYYSLIIYSKDNGETWTMGNKVPNSNTSENMVIELDGA
LIMSTRYDYSGYRAAYISHDLGSTWEIYEPLNGKVLTGKGSGCQGSFIKATTSNGHRIGLISAPKNTKGEYIRDNIAVYM
IDFDDLSKRVQEICIPYPKDGNKLGGGYSCLSFKNSHLSIVYEANGNIEYQDLTPYYSLINKQ
;
_entity_poly.pdbx_strand_id   A
#
loop_
_chem_comp.id
_chem_comp.type
_chem_comp.name
_chem_comp.formula
5N6 D-saccharide, alpha linking '9-O-acetyl-5-acetamido-3,5-dideoxy-D-glycero-alpha-D-galacto-non-2-ulopyranosonic acid' 'C13 H21 N O10'
EDO non-polymer 1,2-ETHANEDIOL 'C2 H6 O2'
#
# COMPACT_ATOMS: atom_id res chain seq x y z
N PRO A 21 14.01 17.29 -1.88
CA PRO A 21 13.23 16.21 -2.49
C PRO A 21 12.55 16.65 -3.77
N LEU A 22 12.43 15.70 -4.72
CA LEU A 22 11.80 15.99 -6.00
C LEU A 22 10.27 15.92 -5.84
N ILE A 23 9.59 16.89 -6.44
CA ILE A 23 8.13 16.87 -6.52
C ILE A 23 7.73 16.03 -7.73
N LEU A 24 7.21 14.83 -7.47
CA LEU A 24 6.96 13.84 -8.49
C LEU A 24 5.62 14.10 -9.18
N PHE A 25 4.59 14.35 -8.38
CA PHE A 25 3.30 14.80 -8.87
C PHE A 25 2.98 16.14 -8.20
N ASN A 26 2.83 17.18 -9.04
CA ASN A 26 2.74 18.56 -8.61
C ASN A 26 1.34 19.10 -8.88
N LYS A 27 0.59 19.37 -7.80
CA LYS A 27 -0.76 19.90 -7.89
C LYS A 27 -0.78 21.21 -8.67
N ASP A 28 0.35 21.92 -8.66
CA ASP A 28 0.42 23.27 -9.20
C ASP A 28 0.97 23.24 -10.63
N ASN A 29 1.36 22.04 -11.12
CA ASN A 29 1.96 21.94 -12.44
C ASN A 29 1.93 20.49 -12.89
N ASN A 30 0.83 20.08 -13.50
CA ASN A 30 0.72 18.71 -13.97
C ASN A 30 -0.17 18.67 -15.21
N ILE A 31 -0.04 17.57 -15.96
CA ILE A 31 -0.57 17.48 -17.32
C ILE A 31 -2.08 17.29 -17.31
N TRP A 32 -2.68 16.97 -16.14
CA TRP A 32 -4.11 16.73 -16.04
C TRP A 32 -4.82 17.93 -15.40
N ASN A 33 -4.04 18.96 -15.04
CA ASN A 33 -4.51 20.08 -14.22
C ASN A 33 -5.28 19.57 -13.00
N SER A 34 -4.85 18.42 -12.48
CA SER A 34 -5.38 17.94 -11.21
C SER A 34 -5.10 18.93 -10.08
N LYS A 35 -6.06 19.05 -9.16
CA LYS A 35 -5.94 19.96 -8.03
C LYS A 35 -5.19 19.31 -6.86
N TYR A 36 -5.03 17.98 -6.89
CA TYR A 36 -4.48 17.27 -5.73
C TYR A 36 -4.04 15.85 -6.14
N PHE A 37 -3.11 15.28 -5.37
CA PHE A 37 -2.63 13.92 -5.58
C PHE A 37 -2.54 13.23 -4.21
N ARG A 38 -2.85 11.93 -4.18
CA ARG A 38 -2.82 11.19 -2.93
C ARG A 38 -2.47 9.72 -3.24
N ILE A 39 -2.08 8.98 -2.18
CA ILE A 39 -1.90 7.54 -2.23
C ILE A 39 -0.78 7.15 -3.19
N PRO A 40 0.49 7.50 -2.90
CA PRO A 40 1.60 7.16 -3.79
C PRO A 40 2.04 5.71 -3.62
N ASN A 41 2.72 5.23 -4.68
CA ASN A 41 3.18 3.86 -4.73
C ASN A 41 4.51 3.86 -5.47
N ILE A 42 5.44 2.97 -5.08
CA ILE A 42 6.73 2.86 -5.77
C ILE A 42 7.15 1.41 -5.88
N GLN A 43 7.71 1.07 -7.06
CA GLN A 43 8.44 -0.17 -7.26
C GLN A 43 9.78 0.15 -7.92
N LEU A 44 10.88 -0.29 -7.31
CA LEU A 44 12.18 -0.31 -7.96
C LEU A 44 12.29 -1.59 -8.78
N LEU A 45 12.51 -1.46 -10.09
CA LEU A 45 12.61 -2.63 -10.94
C LEU A 45 14.05 -3.16 -10.90
N ASN A 46 14.18 -4.45 -11.21
CA ASN A 46 15.47 -5.11 -11.17
C ASN A 46 16.47 -4.38 -12.05
N ASP A 47 16.00 -3.74 -13.13
CA ASP A 47 16.91 -3.18 -14.11
C ASP A 47 17.19 -1.70 -13.82
N GLY A 48 16.69 -1.20 -12.68
CA GLY A 48 17.03 0.13 -12.22
C GLY A 48 15.97 1.17 -12.58
N THR A 49 14.99 0.76 -13.39
CA THR A 49 13.82 1.58 -13.69
C THR A 49 13.04 1.81 -12.39
N ILE A 50 12.53 3.05 -12.23
CA ILE A 50 11.63 3.38 -11.14
C ILE A 50 10.22 3.56 -11.70
N LEU A 51 9.27 2.83 -11.11
CA LEU A 51 7.87 2.94 -11.48
C LEU A 51 7.10 3.43 -10.27
N THR A 52 6.31 4.50 -10.44
CA THR A 52 5.49 5.03 -9.36
C THR A 52 4.05 5.17 -9.84
N PHE A 53 3.12 5.26 -8.87
CA PHE A 53 1.73 5.55 -9.16
C PHE A 53 1.20 6.51 -8.10
N SER A 54 0.07 7.14 -8.44
CA SER A 54 -0.65 8.02 -7.54
C SER A 54 -2.09 8.16 -8.03
N ASP A 55 -3.01 8.37 -7.07
CA ASP A 55 -4.36 8.85 -7.35
C ASP A 55 -4.24 10.23 -7.97
N ILE A 56 -4.89 10.41 -9.14
CA ILE A 56 -5.11 11.73 -9.68
C ILE A 56 -6.45 12.20 -9.13
N ARG A 57 -6.39 13.04 -8.09
CA ARG A 57 -7.62 13.54 -7.49
C ARG A 57 -7.97 14.88 -8.14
N TYR A 58 -8.51 14.78 -9.36
CA TYR A 58 -8.70 15.94 -10.22
C TYR A 58 -9.31 17.12 -9.49
N ASN A 59 -10.36 16.87 -8.68
CA ASN A 59 -11.23 17.95 -8.22
C ASN A 59 -10.89 18.46 -6.83
N GLY A 60 -9.90 17.85 -6.17
CA GLY A 60 -9.56 18.23 -4.81
C GLY A 60 -9.18 17.01 -3.96
N PRO A 61 -9.00 17.18 -2.64
CA PRO A 61 -8.51 16.09 -1.78
C PRO A 61 -9.45 14.93 -1.48
N ASP A 62 -10.75 15.13 -1.69
CA ASP A 62 -11.77 14.19 -1.21
C ASP A 62 -11.55 12.80 -1.77
N ASP A 63 -11.77 11.78 -0.92
CA ASP A 63 -11.76 10.37 -1.26
C ASP A 63 -12.94 10.02 -2.16
N HIS A 64 -14.12 10.60 -1.86
CA HIS A 64 -15.34 10.29 -2.58
C HIS A 64 -15.55 11.33 -3.68
N ALA A 65 -14.96 11.06 -4.85
CA ALA A 65 -14.75 12.06 -5.88
C ALA A 65 -14.27 11.36 -7.16
N TYR A 66 -13.91 12.17 -8.17
CA TYR A 66 -13.56 11.66 -9.48
C TYR A 66 -12.05 11.43 -9.55
N ILE A 67 -11.62 10.16 -9.69
CA ILE A 67 -10.21 9.81 -9.51
C ILE A 67 -9.82 8.77 -10.56
N ASP A 68 -8.65 8.99 -11.18
CA ASP A 68 -7.95 7.98 -11.95
C ASP A 68 -6.59 7.73 -11.31
N ILE A 69 -5.90 6.69 -11.76
CA ILE A 69 -4.56 6.40 -11.26
C ILE A 69 -3.51 6.69 -12.32
N ALA A 70 -2.56 7.54 -11.94
CA ALA A 70 -1.42 7.91 -12.77
C ALA A 70 -0.25 6.96 -12.53
N SER A 71 0.62 6.87 -13.55
CA SER A 71 1.94 6.29 -13.38
C SER A 71 2.97 7.36 -13.71
N ALA A 72 4.12 7.30 -13.04
CA ALA A 72 5.29 8.06 -13.41
C ALA A 72 6.47 7.11 -13.46
N ARG A 73 7.22 7.15 -14.57
CA ARG A 73 8.27 6.17 -14.84
C ARG A 73 9.58 6.91 -15.13
N SER A 74 10.69 6.43 -14.54
CA SER A 74 12.01 7.02 -14.71
C SER A 74 13.03 5.97 -15.12
N THR A 75 13.82 6.32 -16.16
CA THR A 75 14.90 5.47 -16.64
C THR A 75 16.24 6.13 -16.30
N ASP A 76 16.22 7.23 -15.55
CA ASP A 76 17.45 7.91 -15.18
C ASP A 76 17.58 8.06 -13.67
N PHE A 77 17.10 7.05 -12.91
CA PHE A 77 17.25 7.01 -11.46
C PHE A 77 16.57 8.21 -10.79
N GLY A 78 15.48 8.70 -11.40
CA GLY A 78 14.61 9.64 -10.74
C GLY A 78 14.91 11.09 -11.08
N LYS A 79 15.74 11.32 -12.10
CA LYS A 79 16.03 12.66 -12.58
C LYS A 79 14.82 13.19 -13.35
N THR A 80 14.34 12.38 -14.30
CA THR A 80 13.23 12.80 -15.16
C THR A 80 12.21 11.67 -15.21
N TRP A 81 10.96 12.05 -15.54
CA TRP A 81 9.84 11.13 -15.42
C TRP A 81 8.93 11.20 -16.64
N SER A 82 8.38 10.04 -17.04
CA SER A 82 7.31 9.96 -17.99
C SER A 82 6.00 9.66 -17.29
N TYR A 83 4.97 10.44 -17.62
CA TYR A 83 3.68 10.35 -16.96
C TYR A 83 2.63 9.77 -17.91
N ASP A 84 1.68 9.03 -17.33
CA ASP A 84 0.57 8.44 -18.07
C ASP A 84 -0.57 8.17 -17.10
N ILE A 85 -1.77 7.91 -17.66
CA ILE A 85 -2.85 7.41 -16.82
C ILE A 85 -2.83 5.90 -16.92
N ALA A 86 -2.54 5.24 -15.78
CA ALA A 86 -2.40 3.79 -15.76
C ALA A 86 -3.77 3.13 -15.69
N MET A 87 -4.73 3.73 -14.97
CA MET A 87 -6.05 3.13 -14.88
C MET A 87 -7.11 4.23 -14.78
N LYS A 88 -8.14 4.13 -15.63
CA LYS A 88 -9.23 5.07 -15.59
C LYS A 88 -10.38 4.44 -14.79
N ASN A 89 -11.17 5.32 -14.16
CA ASN A 89 -12.39 4.92 -13.46
C ASN A 89 -13.42 4.42 -14.49
N ASN A 90 -14.57 3.96 -14.03
CA ASN A 90 -15.58 3.35 -14.88
C ASN A 90 -16.37 4.39 -15.68
N ARG A 91 -16.05 5.68 -15.47
CA ARG A 91 -16.58 6.79 -16.26
C ARG A 91 -18.10 6.91 -16.18
N ILE A 92 -18.73 6.24 -15.19
CA ILE A 92 -20.18 6.22 -15.04
C ILE A 92 -20.69 7.53 -14.43
N ASP A 93 -19.93 8.10 -13.48
CA ASP A 93 -20.41 9.22 -12.69
C ASP A 93 -19.34 10.29 -12.65
N SER A 94 -19.64 11.47 -13.20
CA SER A 94 -18.60 12.48 -13.35
C SER A 94 -18.24 13.12 -12.01
N THR A 95 -19.01 12.82 -10.95
CA THR A 95 -18.65 13.29 -9.63
C THR A 95 -17.91 12.21 -8.84
N TYR A 96 -18.37 10.94 -8.91
CA TYR A 96 -18.00 9.93 -7.92
C TYR A 96 -17.27 8.71 -8.49
N SER A 97 -17.06 8.66 -9.81
CA SER A 97 -16.36 7.52 -10.38
C SER A 97 -14.89 7.59 -9.99
N ARG A 98 -14.38 6.51 -9.40
CA ARG A 98 -13.02 6.49 -8.89
C ARG A 98 -12.44 5.09 -8.94
N VAL A 99 -11.18 5.02 -9.40
CA VAL A 99 -10.29 3.92 -9.08
C VAL A 99 -9.17 4.52 -8.23
N MET A 100 -8.80 3.82 -7.15
CA MET A 100 -7.93 4.44 -6.15
C MET A 100 -7.25 3.38 -5.28
N ASP A 101 -6.32 3.86 -4.44
CA ASP A 101 -5.72 3.08 -3.37
C ASP A 101 -4.92 1.90 -3.96
N SER A 102 -3.93 2.22 -4.82
CA SER A 102 -3.12 1.24 -5.53
C SER A 102 -2.42 0.28 -4.57
N THR A 103 -2.49 -1.01 -4.90
CA THR A 103 -1.55 -1.99 -4.36
C THR A 103 -0.84 -2.66 -5.55
N THR A 104 0.49 -2.74 -5.46
CA THR A 104 1.28 -3.22 -6.60
C THR A 104 2.25 -4.33 -6.21
N VAL A 105 2.71 -5.07 -7.23
CA VAL A 105 3.74 -6.09 -7.02
C VAL A 105 4.47 -6.36 -8.34
N ILE A 106 5.73 -6.81 -8.22
CA ILE A 106 6.46 -7.36 -9.34
C ILE A 106 6.64 -8.86 -9.12
N THR A 107 6.14 -9.66 -10.06
CA THR A 107 6.23 -11.12 -9.96
C THR A 107 7.62 -11.61 -10.37
N ASN A 108 7.87 -12.91 -10.18
CA ASN A 108 9.11 -13.52 -10.63
C ASN A 108 9.27 -13.46 -12.15
N THR A 109 8.20 -13.29 -12.92
CA THR A 109 8.41 -13.12 -14.36
C THR A 109 8.80 -11.69 -14.69
N GLY A 110 8.69 -10.79 -13.70
CA GLY A 110 8.89 -9.36 -13.94
C GLY A 110 7.59 -8.63 -14.25
N ARG A 111 6.49 -9.37 -14.37
CA ARG A 111 5.17 -8.78 -14.58
C ARG A 111 4.87 -7.81 -13.44
N ILE A 112 4.28 -6.66 -13.80
CA ILE A 112 3.87 -5.67 -12.79
C ILE A 112 2.34 -5.66 -12.68
N ILE A 113 1.84 -5.99 -11.48
CA ILE A 113 0.40 -6.04 -11.23
C ILE A 113 0.00 -4.81 -10.42
N LEU A 114 -1.10 -4.16 -10.81
CA LEU A 114 -1.72 -3.13 -9.97
C LEU A 114 -3.18 -3.49 -9.72
N ILE A 115 -3.56 -3.46 -8.43
CA ILE A 115 -4.93 -3.71 -8.01
C ILE A 115 -5.46 -2.45 -7.31
N ALA A 116 -6.66 -2.04 -7.73
CA ALA A 116 -7.29 -0.83 -7.25
C ALA A 116 -8.73 -1.09 -6.83
N GLY A 117 -9.21 -0.28 -5.88
CA GLY A 117 -10.63 -0.22 -5.56
C GLY A 117 -11.36 0.65 -6.59
N SER A 118 -12.55 0.20 -7.01
CA SER A 118 -13.38 0.92 -7.96
C SER A 118 -14.76 1.18 -7.34
N TRP A 119 -15.21 2.44 -7.38
CA TRP A 119 -16.56 2.79 -6.97
C TRP A 119 -17.08 3.90 -7.89
N ASN A 120 -18.37 4.27 -7.73
CA ASN A 120 -18.91 5.42 -8.46
C ASN A 120 -20.03 6.12 -7.70
N THR A 121 -20.13 5.92 -6.38
CA THR A 121 -21.15 6.57 -5.57
C THR A 121 -20.52 7.19 -4.31
N ASN A 122 -21.23 8.11 -3.66
CA ASN A 122 -20.74 8.75 -2.45
C ASN A 122 -20.78 7.77 -1.28
N GLY A 123 -19.88 7.96 -0.32
CA GLY A 123 -19.96 7.26 0.95
C GLY A 123 -18.83 6.25 1.13
N ASN A 124 -18.35 6.17 2.37
CA ASN A 124 -17.25 5.32 2.81
C ASN A 124 -17.44 3.90 2.29
N TRP A 125 -16.38 3.32 1.71
CA TRP A 125 -16.45 1.99 1.09
C TRP A 125 -16.92 0.92 2.07
N ALA A 126 -16.54 1.06 3.35
CA ALA A 126 -16.70 -0.03 4.29
C ALA A 126 -18.01 0.06 5.06
N MET A 127 -18.51 1.28 5.22
CA MET A 127 -19.52 1.53 6.25
C MET A 127 -20.87 1.96 5.68
N THR A 128 -20.94 2.29 4.39
CA THR A 128 -22.13 2.95 3.84
C THR A 128 -23.31 2.00 3.70
N THR A 129 -23.08 0.78 3.22
CA THR A 129 -24.16 -0.14 2.92
C THR A 129 -24.10 -1.36 3.84
N SER A 130 -25.26 -1.96 4.14
CA SER A 130 -25.31 -3.12 5.00
C SER A 130 -25.24 -4.41 4.17
N THR A 131 -25.29 -4.27 2.85
CA THR A 131 -25.04 -5.41 1.97
C THR A 131 -23.94 -5.02 1.01
N ARG A 132 -23.52 -6.01 0.20
CA ARG A 132 -22.46 -5.82 -0.78
C ARG A 132 -22.70 -4.52 -1.56
N ARG A 133 -21.71 -3.63 -1.49
CA ARG A 133 -21.77 -2.33 -2.13
C ARG A 133 -21.88 -2.54 -3.64
N SER A 134 -22.96 -2.05 -4.23
CA SER A 134 -23.35 -2.46 -5.58
C SER A 134 -22.43 -1.86 -6.63
N ASP A 135 -21.85 -0.70 -6.37
CA ASP A 135 -20.98 -0.08 -7.37
C ASP A 135 -19.51 -0.49 -7.14
N TRP A 136 -19.27 -1.33 -6.12
CA TRP A 136 -17.91 -1.70 -5.73
C TRP A 136 -17.36 -2.80 -6.63
N SER A 137 -16.09 -2.67 -6.99
CA SER A 137 -15.35 -3.79 -7.55
C SER A 137 -13.86 -3.58 -7.33
N VAL A 138 -13.09 -4.64 -7.56
CA VAL A 138 -11.64 -4.59 -7.52
C VAL A 138 -11.15 -4.80 -8.95
N GLN A 139 -10.38 -3.84 -9.45
CA GLN A 139 -9.91 -3.84 -10.82
C GLN A 139 -8.41 -4.15 -10.83
N MET A 140 -7.99 -5.02 -11.75
CA MET A 140 -6.58 -5.37 -11.85
C MET A 140 -6.06 -5.05 -13.25
N ILE A 141 -4.83 -4.53 -13.33
CA ILE A 141 -4.08 -4.44 -14.59
C ILE A 141 -2.69 -5.02 -14.36
N TYR A 142 -2.05 -5.46 -15.46
CA TYR A 142 -0.70 -5.98 -15.44
C TYR A 142 0.07 -5.45 -16.64
N SER A 143 1.39 -5.37 -16.46
CA SER A 143 2.31 -4.96 -17.51
C SER A 143 3.35 -6.07 -17.70
N ASP A 144 3.60 -6.41 -18.97
CA ASP A 144 4.63 -7.39 -19.29
C ASP A 144 5.84 -6.70 -19.93
N ASP A 145 5.85 -5.37 -19.94
CA ASP A 145 6.95 -4.63 -20.56
C ASP A 145 7.50 -3.57 -19.62
N ASN A 146 7.57 -3.90 -18.32
CA ASN A 146 8.22 -3.06 -17.32
C ASN A 146 7.51 -1.72 -17.17
N GLY A 147 6.17 -1.77 -17.31
CA GLY A 147 5.31 -0.64 -17.01
C GLY A 147 5.21 0.36 -18.16
N LEU A 148 5.50 -0.09 -19.39
CA LEU A 148 5.33 0.79 -20.56
C LEU A 148 3.90 0.71 -21.03
N THR A 149 3.35 -0.52 -21.11
CA THR A 149 1.95 -0.68 -21.47
C THR A 149 1.26 -1.59 -20.46
N TRP A 150 -0.07 -1.44 -20.36
CA TRP A 150 -0.87 -2.18 -19.40
C TRP A 150 -1.90 -3.00 -20.16
N SER A 151 -2.33 -4.10 -19.54
CA SER A 151 -3.49 -4.85 -19.99
C SER A 151 -4.75 -3.98 -19.90
N ASN A 152 -5.84 -4.50 -20.48
CA ASN A 152 -7.16 -4.00 -20.14
C ASN A 152 -7.40 -4.26 -18.65
N LYS A 153 -8.35 -3.51 -18.06
CA LYS A 153 -8.72 -3.78 -16.69
C LYS A 153 -9.41 -5.13 -16.61
N ILE A 154 -9.05 -5.89 -15.58
CA ILE A 154 -9.69 -7.15 -15.28
C ILE A 154 -10.44 -6.99 -13.96
N ASP A 155 -11.73 -7.33 -13.99
CA ASP A 155 -12.62 -7.21 -12.84
C ASP A 155 -12.55 -8.48 -12.01
N LEU A 156 -12.01 -8.34 -10.80
CA LEU A 156 -11.75 -9.50 -9.95
C LEU A 156 -12.98 -9.96 -9.17
N THR A 157 -14.09 -9.18 -9.18
CA THR A 157 -15.19 -9.40 -8.26
C THR A 157 -16.56 -9.52 -8.95
N LYS A 158 -16.64 -9.22 -10.26
CA LYS A 158 -17.91 -9.29 -10.96
C LYS A 158 -18.48 -10.71 -10.94
N ASP A 159 -17.60 -11.72 -10.94
CA ASP A 159 -18.02 -13.11 -10.87
C ASP A 159 -17.13 -13.84 -9.87
N SER A 160 -17.30 -15.16 -9.77
CA SER A 160 -16.55 -15.93 -8.79
C SER A 160 -15.37 -16.66 -9.43
N SER A 161 -14.99 -16.25 -10.66
CA SER A 161 -14.01 -17.00 -11.42
C SER A 161 -12.57 -16.54 -11.18
N LYS A 162 -12.36 -15.49 -10.37
CA LYS A 162 -11.05 -14.87 -10.23
C LYS A 162 -10.53 -14.90 -8.80
N VAL A 163 -11.42 -14.85 -7.80
CA VAL A 163 -11.03 -14.76 -6.40
C VAL A 163 -11.81 -15.77 -5.57
N LYS A 164 -11.11 -16.82 -5.13
CA LYS A 164 -11.66 -17.87 -4.29
C LYS A 164 -11.71 -17.41 -2.83
N ASN A 165 -12.68 -17.96 -2.08
CA ASN A 165 -12.81 -17.86 -0.64
C ASN A 165 -13.21 -16.44 -0.21
N GLN A 166 -13.97 -15.75 -1.06
CA GLN A 166 -14.52 -14.45 -0.70
C GLN A 166 -15.71 -14.66 0.23
N PRO A 167 -15.72 -14.07 1.46
CA PRO A 167 -16.84 -14.28 2.39
C PRO A 167 -18.17 -13.82 1.80
N SER A 168 -19.24 -14.58 2.08
CA SER A 168 -20.56 -14.23 1.60
C SER A 168 -21.04 -12.91 2.21
N ASN A 169 -20.50 -12.55 3.39
CA ASN A 169 -20.91 -11.34 4.09
C ASN A 169 -20.01 -10.14 3.76
N THR A 170 -19.35 -10.18 2.61
CA THR A 170 -18.49 -9.10 2.13
C THR A 170 -19.32 -7.88 1.74
N ILE A 171 -18.94 -6.71 2.29
CA ILE A 171 -19.46 -5.41 1.89
C ILE A 171 -18.57 -4.91 0.75
N GLY A 172 -17.26 -5.07 0.94
CA GLY A 172 -16.28 -4.71 -0.06
C GLY A 172 -14.89 -5.10 0.41
N TRP A 173 -13.92 -5.00 -0.49
CA TRP A 173 -12.51 -5.19 -0.14
C TRP A 173 -11.65 -4.56 -1.23
N LEU A 174 -10.40 -4.25 -0.86
CA LEU A 174 -9.42 -3.79 -1.82
C LEU A 174 -8.04 -4.15 -1.26
N GLY A 175 -6.98 -3.80 -1.99
CA GLY A 175 -5.63 -4.07 -1.52
C GLY A 175 -5.29 -3.20 -0.30
N GLY A 176 -4.19 -3.58 0.37
CA GLY A 176 -3.74 -3.00 1.63
C GLY A 176 -3.03 -1.66 1.46
N VAL A 177 -2.78 -1.24 0.20
CA VAL A 177 -2.26 0.07 -0.17
C VAL A 177 -0.75 0.13 0.07
N GLY A 178 0.01 -0.13 -1.00
CA GLY A 178 1.44 -0.33 -0.90
C GLY A 178 1.89 -1.45 -1.85
N SER A 179 2.76 -2.32 -1.37
CA SER A 179 3.33 -3.35 -2.22
C SER A 179 3.03 -4.74 -1.67
N GLY A 180 2.85 -5.71 -2.57
CA GLY A 180 2.82 -7.11 -2.20
C GLY A 180 4.23 -7.72 -2.25
N ILE A 181 4.30 -9.06 -2.19
CA ILE A 181 5.60 -9.72 -2.05
C ILE A 181 5.51 -11.03 -2.85
N VAL A 182 6.67 -11.68 -3.05
CA VAL A 182 6.71 -13.00 -3.70
C VAL A 182 7.29 -14.00 -2.69
N MET A 183 6.62 -15.15 -2.55
CA MET A 183 7.13 -16.22 -1.70
C MET A 183 8.25 -16.94 -2.44
N ASP A 184 8.91 -17.87 -1.74
N ASP A 184 8.96 -17.82 -1.75
CA ASP A 184 10.07 -18.62 -2.20
CA ASP A 184 10.10 -18.53 -2.33
C ASP A 184 9.77 -19.45 -3.45
C ASP A 184 9.68 -19.25 -3.61
N ASP A 185 8.52 -19.90 -3.59
CA ASP A 185 8.13 -20.75 -4.70
C ASP A 185 7.49 -19.94 -5.84
N GLY A 186 7.43 -18.61 -5.65
CA GLY A 186 6.92 -17.72 -6.67
C GLY A 186 5.46 -17.30 -6.42
N THR A 187 4.84 -17.84 -5.37
CA THR A 187 3.49 -17.45 -4.98
C THR A 187 3.47 -15.94 -4.71
N ILE A 188 2.51 -15.24 -5.33
CA ILE A 188 2.32 -13.81 -5.11
C ILE A 188 1.38 -13.63 -3.94
N VAL A 189 1.75 -12.72 -3.01
CA VAL A 189 0.92 -12.36 -1.87
C VAL A 189 0.70 -10.85 -1.89
N MET A 190 -0.58 -10.45 -1.83
CA MET A 190 -0.98 -9.06 -1.73
C MET A 190 -1.69 -8.85 -0.39
N PRO A 191 -1.38 -7.72 0.30
CA PRO A 191 -2.11 -7.33 1.50
C PRO A 191 -3.48 -6.84 1.03
N ALA A 192 -4.49 -7.05 1.87
CA ALA A 192 -5.84 -6.62 1.51
C ALA A 192 -6.55 -6.14 2.78
N GLN A 193 -7.71 -5.50 2.55
CA GLN A 193 -8.59 -5.07 3.62
C GLN A 193 -10.02 -5.37 3.19
N ILE A 194 -10.85 -5.79 4.15
CA ILE A 194 -12.21 -6.22 3.87
C ILE A 194 -13.15 -5.62 4.93
N SER A 195 -14.40 -5.39 4.51
CA SER A 195 -15.50 -5.00 5.37
C SER A 195 -16.55 -6.10 5.35
N LEU A 196 -16.94 -6.55 6.54
CA LEU A 196 -17.79 -7.72 6.73
C LEU A 196 -19.00 -7.32 7.57
N ARG A 197 -20.18 -7.76 7.12
CA ARG A 197 -21.41 -7.61 7.88
C ARG A 197 -21.44 -8.67 8.98
N GLU A 198 -21.35 -8.23 10.23
CA GLU A 198 -21.32 -9.14 11.37
C GLU A 198 -22.27 -8.60 12.44
N ASN A 199 -23.27 -9.41 12.82
CA ASN A 199 -24.25 -9.08 13.86
C ASN A 199 -24.72 -7.63 13.77
N ASN A 200 -25.31 -7.25 12.63
CA ASN A 200 -25.97 -5.95 12.47
C ASN A 200 -25.00 -4.77 12.44
N GLU A 201 -23.70 -5.04 12.24
CA GLU A 201 -22.68 -3.99 12.18
C GLU A 201 -21.73 -4.28 11.01
N ASN A 202 -21.03 -3.25 10.53
CA ASN A 202 -19.95 -3.45 9.56
C ASN A 202 -18.62 -3.38 10.29
N ASN A 203 -17.82 -4.47 10.22
CA ASN A 203 -16.49 -4.48 10.80
C ASN A 203 -15.44 -4.67 9.70
N TYR A 204 -14.31 -3.95 9.83
CA TYR A 204 -13.24 -4.03 8.84
C TYR A 204 -11.98 -4.64 9.43
N TYR A 205 -11.28 -5.42 8.59
CA TYR A 205 -10.15 -6.24 8.99
C TYR A 205 -9.12 -6.26 7.87
N SER A 206 -7.87 -6.49 8.25
CA SER A 206 -6.83 -6.83 7.30
C SER A 206 -6.87 -8.34 7.01
N LEU A 207 -6.30 -8.70 5.86
CA LEU A 207 -6.04 -10.07 5.44
C LEU A 207 -5.10 -10.04 4.23
N ILE A 208 -4.87 -11.20 3.60
CA ILE A 208 -4.09 -11.24 2.37
C ILE A 208 -4.87 -11.99 1.30
N ILE A 209 -4.49 -11.75 0.03
CA ILE A 209 -4.84 -12.62 -1.09
C ILE A 209 -3.54 -13.13 -1.71
N TYR A 210 -3.61 -14.30 -2.37
CA TYR A 210 -2.42 -14.85 -3.01
C TYR A 210 -2.75 -15.42 -4.39
N SER A 211 -1.74 -15.45 -5.26
CA SER A 211 -1.86 -16.02 -6.59
C SER A 211 -0.70 -16.97 -6.87
N LYS A 212 -1.04 -18.11 -7.48
CA LYS A 212 -0.01 -19.08 -7.82
C LYS A 212 0.11 -19.19 -9.33
N ASP A 213 -0.54 -18.26 -10.05
CA ASP A 213 -0.59 -18.31 -11.50
C ASP A 213 -0.33 -16.92 -12.08
N ASN A 214 0.60 -16.20 -11.46
CA ASN A 214 1.10 -14.95 -11.99
C ASN A 214 -0.01 -13.90 -12.03
N GLY A 215 -1.02 -14.05 -11.16
CA GLY A 215 -2.01 -13.00 -10.98
C GLY A 215 -3.33 -13.25 -11.72
N GLU A 216 -3.41 -14.34 -12.49
CA GLU A 216 -4.62 -14.66 -13.24
C GLU A 216 -5.79 -14.91 -12.29
N THR A 217 -5.54 -15.67 -11.22
CA THR A 217 -6.54 -15.99 -10.22
C THR A 217 -5.95 -15.88 -8.81
N TRP A 218 -6.83 -15.74 -7.80
CA TRP A 218 -6.41 -15.43 -6.44
C TRP A 218 -7.22 -16.26 -5.46
N THR A 219 -6.63 -16.51 -4.30
CA THR A 219 -7.35 -17.03 -3.14
C THR A 219 -7.24 -16.02 -2.01
N MET A 220 -8.38 -15.77 -1.36
CA MET A 220 -8.41 -14.86 -0.22
C MET A 220 -8.13 -15.65 1.05
N GLY A 221 -7.22 -15.11 1.89
CA GLY A 221 -6.99 -15.66 3.22
C GLY A 221 -8.12 -15.25 4.18
N ASN A 222 -7.90 -15.48 5.49
CA ASN A 222 -8.87 -15.16 6.52
C ASN A 222 -8.44 -13.89 7.27
N LYS A 223 -9.42 -13.26 7.93
CA LYS A 223 -9.22 -11.98 8.59
C LYS A 223 -8.28 -12.14 9.78
N VAL A 224 -7.57 -11.05 10.10
CA VAL A 224 -6.68 -10.99 11.25
C VAL A 224 -7.52 -10.93 12.54
N PRO A 225 -6.88 -11.06 13.73
CA PRO A 225 -7.60 -11.21 14.99
C PRO A 225 -8.41 -10.00 15.46
N ASN A 226 -8.09 -8.79 14.98
CA ASN A 226 -8.79 -7.61 15.46
C ASN A 226 -9.43 -6.83 14.32
N SER A 227 -10.66 -6.36 14.56
CA SER A 227 -11.34 -5.41 13.70
C SER A 227 -10.72 -4.02 13.87
N ASN A 228 -11.16 -3.08 13.03
CA ASN A 228 -10.53 -1.77 12.96
C ASN A 228 -9.11 -1.87 12.39
N THR A 229 -8.82 -2.94 11.64
CA THR A 229 -7.55 -3.04 10.95
C THR A 229 -7.81 -2.94 9.47
N SER A 230 -6.92 -2.25 8.76
CA SER A 230 -7.24 -1.97 7.36
C SER A 230 -5.98 -2.05 6.51
N GLU A 231 -5.50 -0.88 6.07
CA GLU A 231 -4.35 -0.77 5.19
C GLU A 231 -3.16 -1.43 5.85
N ASN A 232 -2.40 -2.19 5.07
CA ASN A 232 -1.32 -2.97 5.66
C ASN A 232 -0.39 -3.47 4.56
N MET A 233 0.81 -3.90 4.98
CA MET A 233 1.67 -4.71 4.13
C MET A 233 2.24 -5.87 4.95
N VAL A 234 2.63 -6.93 4.23
CA VAL A 234 3.27 -8.11 4.82
C VAL A 234 4.65 -8.26 4.21
N ILE A 235 5.57 -8.85 4.99
CA ILE A 235 6.84 -9.36 4.49
C ILE A 235 6.81 -10.88 4.65
N GLU A 236 7.70 -11.55 3.91
CA GLU A 236 7.95 -12.96 4.13
C GLU A 236 9.17 -13.10 5.06
N LEU A 237 9.07 -13.98 6.06
CA LEU A 237 10.23 -14.33 6.88
C LEU A 237 10.24 -15.83 7.15
N ASP A 238 11.11 -16.55 6.42
CA ASP A 238 11.33 -17.98 6.60
C ASP A 238 9.99 -18.71 6.43
N GLY A 239 9.24 -18.34 5.39
CA GLY A 239 7.98 -19.00 5.10
C GLY A 239 6.77 -18.36 5.80
N ALA A 240 7.00 -17.60 6.88
CA ALA A 240 5.91 -16.92 7.59
C ALA A 240 5.57 -15.60 6.91
N LEU A 241 4.32 -15.16 7.10
CA LEU A 241 3.90 -13.81 6.75
C LEU A 241 3.85 -13.00 8.04
N ILE A 242 4.51 -11.83 8.05
CA ILE A 242 4.40 -10.89 9.15
C ILE A 242 3.75 -9.62 8.61
N MET A 243 2.68 -9.19 9.26
CA MET A 243 1.89 -8.03 8.83
C MET A 243 2.14 -6.84 9.76
N SER A 244 2.35 -5.65 9.17
CA SER A 244 2.21 -4.39 9.90
C SER A 244 0.97 -3.68 9.39
N THR A 245 0.02 -3.39 10.29
CA THR A 245 -1.28 -2.90 9.84
C THR A 245 -1.71 -1.66 10.62
N ARG A 246 -2.45 -0.79 9.91
CA ARG A 246 -3.14 0.36 10.47
C ARG A 246 -4.25 -0.16 11.38
N TYR A 247 -4.20 0.23 12.65
CA TYR A 247 -5.14 -0.24 13.67
C TYR A 247 -5.83 0.97 14.28
N ASP A 248 -6.99 1.32 13.72
CA ASP A 248 -7.62 2.60 13.98
C ASP A 248 -8.00 2.77 15.46
N TYR A 249 -7.53 3.87 16.04
CA TYR A 249 -7.87 4.36 17.38
C TYR A 249 -7.11 3.63 18.50
N SER A 250 -6.15 2.77 18.14
CA SER A 250 -5.33 2.09 19.12
C SER A 250 -4.12 2.94 19.50
N GLY A 251 -3.72 3.85 18.61
CA GLY A 251 -2.50 4.62 18.83
C GLY A 251 -1.22 3.94 18.32
N TYR A 252 -1.35 2.80 17.64
CA TYR A 252 -0.17 2.09 17.15
C TYR A 252 -0.49 1.25 15.91
N ARG A 253 0.57 0.79 15.22
CA ARG A 253 0.45 -0.23 14.19
C ARG A 253 0.41 -1.61 14.86
N ALA A 254 -0.64 -2.38 14.60
CA ALA A 254 -0.66 -3.78 15.00
C ALA A 254 0.31 -4.58 14.15
N ALA A 255 0.78 -5.73 14.69
CA ALA A 255 1.52 -6.70 13.90
C ALA A 255 1.07 -8.12 14.24
N TYR A 256 0.92 -8.92 13.19
CA TYR A 256 0.51 -10.31 13.27
C TYR A 256 1.43 -11.18 12.43
N ILE A 257 1.44 -12.48 12.75
CA ILE A 257 2.25 -13.45 12.02
C ILE A 257 1.36 -14.64 11.63
N SER A 258 1.54 -15.15 10.41
CA SER A 258 0.86 -16.33 9.91
C SER A 258 1.88 -17.34 9.42
N HIS A 259 1.71 -18.59 9.86
CA HIS A 259 2.59 -19.68 9.45
C HIS A 259 1.97 -20.50 8.33
N ASP A 260 0.82 -20.09 7.81
CA ASP A 260 0.04 -20.91 6.88
C ASP A 260 -0.53 -20.04 5.76
N LEU A 261 0.27 -19.08 5.29
CA LEU A 261 -0.06 -18.24 4.14
C LEU A 261 -1.43 -17.58 4.33
N GLY A 262 -1.67 -17.06 5.54
CA GLY A 262 -2.78 -16.15 5.76
C GLY A 262 -4.07 -16.84 6.21
N SER A 263 -4.01 -18.14 6.54
CA SER A 263 -5.22 -18.82 7.00
C SER A 263 -5.50 -18.51 8.47
N THR A 264 -4.43 -18.48 9.27
CA THR A 264 -4.56 -18.15 10.68
C THR A 264 -3.48 -17.13 11.06
N TRP A 265 -3.76 -16.34 12.10
CA TRP A 265 -2.88 -15.27 12.56
C TRP A 265 -2.75 -15.31 14.08
N GLU A 266 -1.60 -14.84 14.57
CA GLU A 266 -1.50 -14.47 15.98
C GLU A 266 -0.70 -13.18 16.06
N ILE A 267 -0.76 -12.54 17.24
CA ILE A 267 -0.03 -11.32 17.49
C ILE A 267 1.46 -11.60 17.29
N TYR A 268 2.14 -10.70 16.56
CA TYR A 268 3.59 -10.73 16.45
C TYR A 268 4.20 -9.68 17.39
N GLU A 269 4.65 -10.14 18.55
CA GLU A 269 4.99 -9.25 19.66
C GLU A 269 6.13 -8.29 19.31
N PRO A 270 7.22 -8.71 18.61
CA PRO A 270 8.35 -7.80 18.38
C PRO A 270 8.00 -6.53 17.61
N LEU A 271 6.95 -6.56 16.78
CA LEU A 271 6.50 -5.38 16.06
C LEU A 271 5.16 -4.86 16.59
N ASN A 272 4.35 -5.69 17.24
CA ASN A 272 3.04 -5.24 17.66
C ASN A 272 3.17 -4.10 18.67
N GLY A 273 2.55 -2.95 18.39
CA GLY A 273 2.54 -1.85 19.36
C GLY A 273 3.85 -1.06 19.44
N LYS A 274 4.79 -1.32 18.53
CA LYS A 274 6.12 -0.73 18.62
C LYS A 274 6.20 0.57 17.82
N VAL A 275 5.44 0.66 16.71
CA VAL A 275 5.34 1.92 15.98
C VAL A 275 4.08 2.67 16.42
N LEU A 276 4.26 3.80 17.10
CA LEU A 276 3.17 4.60 17.64
C LEU A 276 2.71 5.59 16.57
N THR A 277 1.41 5.91 16.57
CA THR A 277 0.83 6.62 15.44
C THR A 277 0.02 7.81 15.92
N GLY A 278 0.07 8.07 17.24
CA GLY A 278 -0.54 9.28 17.80
C GLY A 278 -2.06 9.14 17.98
N LYS A 279 -2.67 10.23 18.44
CA LYS A 279 -4.09 10.29 18.78
C LYS A 279 -4.93 10.22 17.51
N GLY A 280 -6.12 9.60 17.65
CA GLY A 280 -7.13 9.64 16.61
C GLY A 280 -7.02 8.41 15.71
N SER A 281 -7.41 8.59 14.45
CA SER A 281 -7.38 7.52 13.47
C SER A 281 -5.93 7.13 13.16
N GLY A 282 -5.77 5.91 12.62
CA GLY A 282 -4.46 5.46 12.20
C GLY A 282 -4.10 6.11 10.86
N CYS A 283 -3.03 5.61 10.23
CA CYS A 283 -2.63 6.07 8.91
C CYS A 283 -1.96 4.93 8.16
N GLN A 284 -2.14 4.91 6.84
CA GLN A 284 -1.39 4.01 5.98
C GLN A 284 0.11 4.21 6.21
N GLY A 285 0.86 3.11 6.08
CA GLY A 285 2.31 3.12 6.06
C GLY A 285 2.84 1.97 5.21
N SER A 286 4.16 1.86 5.07
CA SER A 286 4.67 0.73 4.30
C SER A 286 5.63 -0.10 5.16
N PHE A 287 5.81 -1.37 4.78
CA PHE A 287 6.60 -2.28 5.57
C PHE A 287 7.25 -3.28 4.61
N ILE A 288 8.59 -3.25 4.55
CA ILE A 288 9.33 -4.03 3.58
C ILE A 288 10.50 -4.70 4.30
N LYS A 289 11.05 -5.73 3.65
CA LYS A 289 12.18 -6.46 4.18
C LYS A 289 13.40 -6.21 3.30
N ALA A 290 14.55 -6.08 3.96
CA ALA A 290 15.86 -6.01 3.32
C ALA A 290 16.77 -7.01 4.03
N THR A 291 17.71 -7.60 3.27
CA THR A 291 18.75 -8.43 3.86
C THR A 291 20.08 -7.70 3.73
N THR A 292 20.67 -7.31 4.87
CA THR A 292 21.94 -6.60 4.88
C THR A 292 23.09 -7.56 4.60
N SER A 293 24.29 -7.01 4.35
CA SER A 293 25.43 -7.78 3.88
C SER A 293 25.84 -8.86 4.88
N ASN A 294 25.59 -8.62 6.17
CA ASN A 294 25.90 -9.57 7.23
C ASN A 294 24.87 -10.72 7.26
N GLY A 295 23.89 -10.71 6.34
CA GLY A 295 22.88 -11.75 6.28
C GLY A 295 21.66 -11.50 7.19
N HIS A 296 21.66 -10.41 7.96
CA HIS A 296 20.52 -10.09 8.80
C HIS A 296 19.32 -9.68 7.95
N ARG A 297 18.12 -10.15 8.33
CA ARG A 297 16.89 -9.69 7.70
C ARG A 297 16.39 -8.53 8.53
N ILE A 298 16.20 -7.37 7.90
CA ILE A 298 15.71 -6.19 8.61
C ILE A 298 14.34 -5.80 8.07
N GLY A 299 13.53 -5.19 8.93
CA GLY A 299 12.25 -4.66 8.49
C GLY A 299 12.32 -3.15 8.49
N LEU A 300 11.76 -2.53 7.44
CA LEU A 300 11.72 -1.08 7.34
C LEU A 300 10.27 -0.64 7.28
N ILE A 301 9.89 0.32 8.13
CA ILE A 301 8.52 0.79 8.20
C ILE A 301 8.53 2.30 7.98
N SER A 302 7.66 2.76 7.06
CA SER A 302 7.43 4.19 6.92
C SER A 302 6.03 4.53 7.43
N ALA A 303 5.92 5.60 8.23
CA ALA A 303 4.64 6.05 8.76
C ALA A 303 4.84 7.40 9.46
N PRO A 304 3.80 8.25 9.55
CA PRO A 304 3.90 9.49 10.34
C PRO A 304 3.97 9.22 11.84
N LYS A 305 4.79 10.03 12.53
CA LYS A 305 4.84 10.01 13.97
C LYS A 305 3.52 10.56 14.53
N ASN A 306 2.95 11.54 13.82
CA ASN A 306 1.66 12.14 14.20
C ASN A 306 1.70 12.63 15.65
N THR A 307 2.79 13.34 16.02
CA THR A 307 2.93 13.86 17.37
C THR A 307 1.83 14.89 17.66
N LYS A 308 1.29 15.52 16.59
CA LYS A 308 0.31 16.59 16.74
C LYS A 308 -1.12 16.04 16.72
N GLY A 309 -1.31 14.83 16.19
CA GLY A 309 -2.51 14.07 16.46
C GLY A 309 -3.51 14.12 15.31
N GLU A 310 -4.43 13.15 15.33
CA GLU A 310 -5.53 13.06 14.37
C GLU A 310 -4.98 13.04 12.95
N TYR A 311 -5.47 13.95 12.09
CA TYR A 311 -5.16 13.87 10.67
C TYR A 311 -3.98 14.75 10.30
N ILE A 312 -3.34 15.37 11.29
CA ILE A 312 -2.17 16.19 11.01
C ILE A 312 -1.07 15.31 10.42
N ARG A 313 -0.84 14.15 11.06
CA ARG A 313 0.07 13.16 10.53
C ARG A 313 1.45 13.76 10.22
N ASP A 314 1.98 14.55 11.18
CA ASP A 314 3.30 15.16 11.06
C ASP A 314 4.37 14.06 11.02
N ASN A 315 5.46 14.32 10.28
CA ASN A 315 6.74 13.65 10.43
C ASN A 315 6.68 12.21 9.94
N ILE A 316 6.67 12.06 8.62
CA ILE A 316 6.74 10.73 8.02
C ILE A 316 8.15 10.18 8.24
N ALA A 317 8.23 9.15 9.09
CA ALA A 317 9.51 8.63 9.57
C ALA A 317 9.76 7.25 8.98
N VAL A 318 11.03 6.83 9.01
CA VAL A 318 11.42 5.48 8.63
C VAL A 318 12.05 4.82 9.85
N TYR A 319 11.54 3.61 10.16
CA TYR A 319 11.94 2.87 11.33
C TYR A 319 12.51 1.52 10.89
N MET A 320 13.39 0.97 11.74
CA MET A 320 14.05 -0.27 11.40
C MET A 320 14.00 -1.24 12.59
N ILE A 321 13.76 -2.52 12.25
CA ILE A 321 13.94 -3.62 13.19
C ILE A 321 14.88 -4.63 12.53
N ASP A 322 15.68 -5.30 13.37
CA ASP A 322 16.53 -6.41 12.94
C ASP A 322 15.96 -7.73 13.46
N PHE A 323 15.41 -8.55 12.55
CA PHE A 323 14.78 -9.82 12.92
C PHE A 323 15.80 -10.79 13.48
N ASP A 324 17.06 -10.58 13.11
CA ASP A 324 18.13 -11.46 13.58
C ASP A 324 18.77 -10.85 14.82
N ASP A 325 18.15 -9.80 15.37
CA ASP A 325 18.63 -9.17 16.60
C ASP A 325 17.48 -8.51 17.36
N LEU A 326 16.56 -9.34 17.85
CA LEU A 326 15.28 -8.81 18.26
C LEU A 326 15.33 -8.11 19.63
N SER A 327 16.41 -8.27 20.40
CA SER A 327 16.43 -7.56 21.67
C SER A 327 16.80 -6.09 21.48
N LYS A 328 17.27 -5.73 20.29
CA LYS A 328 17.56 -4.34 19.97
C LYS A 328 16.26 -3.65 19.55
N ARG A 329 15.96 -2.52 20.20
CA ARG A 329 14.67 -1.86 20.01
C ARG A 329 14.59 -1.22 18.62
N VAL A 330 13.36 -1.16 18.10
CA VAL A 330 13.03 -0.49 16.86
C VAL A 330 13.64 0.90 16.90
N GLN A 331 14.31 1.29 15.81
CA GLN A 331 15.09 2.52 15.77
C GLN A 331 14.52 3.39 14.66
N GLU A 332 14.34 4.68 14.96
CA GLU A 332 14.00 5.67 13.96
C GLU A 332 15.26 5.92 13.13
N ILE A 333 15.20 5.68 11.82
CA ILE A 333 16.38 5.85 10.99
C ILE A 333 16.52 7.31 10.54
N CYS A 334 15.43 7.87 10.02
CA CYS A 334 15.40 9.23 9.53
C CYS A 334 13.94 9.63 9.35
N ILE A 335 13.71 10.92 9.12
CA ILE A 335 12.37 11.45 8.92
C ILE A 335 12.35 12.13 7.55
N PRO A 336 11.99 11.40 6.47
CA PRO A 336 12.02 11.96 5.12
C PRO A 336 11.11 13.18 4.92
N TYR A 337 10.04 13.26 5.70
CA TYR A 337 9.11 14.37 5.60
C TYR A 337 8.86 14.93 7.00
N PRO A 338 9.79 15.79 7.50
CA PRO A 338 9.71 16.31 8.85
C PRO A 338 8.76 17.50 8.98
N LYS A 339 7.54 17.34 8.46
CA LYS A 339 6.60 18.44 8.38
C LYS A 339 5.18 17.97 8.73
N ASP A 340 4.32 18.91 9.11
CA ASP A 340 2.91 18.59 9.29
C ASP A 340 2.34 18.13 7.95
N GLY A 341 1.47 17.12 8.02
CA GLY A 341 0.71 16.73 6.84
C GLY A 341 -0.45 17.71 6.65
N ASN A 342 -0.96 17.78 5.42
CA ASN A 342 -2.15 18.58 5.18
C ASN A 342 -3.38 17.81 5.67
N LYS A 343 -4.17 18.44 6.55
CA LYS A 343 -5.30 17.79 7.20
C LYS A 343 -6.35 17.35 6.18
N LEU A 344 -6.35 17.96 4.99
CA LEU A 344 -7.31 17.59 3.95
C LEU A 344 -7.01 16.20 3.41
N GLY A 345 -5.77 15.73 3.63
CA GLY A 345 -5.34 14.43 3.16
C GLY A 345 -3.83 14.37 2.97
N GLY A 346 -3.15 13.63 3.85
CA GLY A 346 -1.70 13.53 3.83
C GLY A 346 -1.20 12.33 4.64
N GLY A 347 0.11 12.12 4.66
CA GLY A 347 0.71 11.18 5.60
C GLY A 347 1.11 9.84 4.98
N TYR A 348 0.53 9.51 3.83
CA TYR A 348 0.75 8.18 3.25
C TYR A 348 2.14 8.11 2.62
N SER A 349 2.69 6.89 2.56
CA SER A 349 4.07 6.70 2.11
C SER A 349 4.26 5.30 1.56
N CYS A 350 5.33 5.11 0.78
CA CYS A 350 5.63 3.77 0.28
C CYS A 350 7.14 3.68 0.07
N LEU A 351 7.76 2.67 0.69
CA LEU A 351 9.15 2.31 0.47
C LEU A 351 9.23 1.23 -0.62
N SER A 352 10.38 1.18 -1.30
CA SER A 352 10.76 0.06 -2.17
C SER A 352 12.27 -0.14 -2.00
N PHE A 353 12.68 -1.40 -1.88
CA PHE A 353 14.07 -1.78 -1.71
C PHE A 353 14.42 -2.81 -2.77
N LYS A 354 15.53 -2.58 -3.50
CA LYS A 354 15.94 -3.52 -4.53
C LYS A 354 17.43 -3.33 -4.79
N ASN A 355 18.16 -4.45 -4.79
CA ASN A 355 19.56 -4.46 -5.19
C ASN A 355 20.33 -3.40 -4.41
N SER A 356 20.18 -3.40 -3.08
CA SER A 356 20.86 -2.49 -2.16
C SER A 356 20.46 -1.02 -2.36
N HIS A 357 19.37 -0.75 -3.08
CA HIS A 357 18.85 0.61 -3.19
C HIS A 357 17.52 0.74 -2.44
N LEU A 358 17.27 1.92 -1.88
CA LEU A 358 16.05 2.21 -1.11
C LEU A 358 15.51 3.58 -1.50
N SER A 359 14.21 3.60 -1.89
CA SER A 359 13.51 4.81 -2.30
C SER A 359 12.18 4.94 -1.55
N ILE A 360 11.70 6.18 -1.41
CA ILE A 360 10.42 6.44 -0.79
C ILE A 360 9.63 7.44 -1.65
N VAL A 361 8.31 7.25 -1.72
CA VAL A 361 7.38 8.26 -2.19
C VAL A 361 6.44 8.58 -1.05
N TYR A 362 6.03 9.85 -0.91
CA TYR A 362 5.14 10.21 0.18
C TYR A 362 4.31 11.44 -0.20
N GLU A 363 3.22 11.61 0.55
CA GLU A 363 2.33 12.74 0.42
C GLU A 363 2.95 13.94 1.11
N ALA A 364 2.87 15.09 0.43
CA ALA A 364 3.43 16.33 0.93
C ALA A 364 2.61 17.49 0.39
N ASN A 365 1.61 17.93 1.18
CA ASN A 365 0.85 19.16 0.94
C ASN A 365 0.18 19.12 -0.43
N GLY A 366 -0.49 17.99 -0.73
CA GLY A 366 -1.25 17.82 -1.95
C GLY A 366 -0.40 17.35 -3.13
N ASN A 367 0.92 17.33 -2.94
CA ASN A 367 1.84 16.77 -3.93
C ASN A 367 2.28 15.37 -3.52
N ILE A 368 2.91 14.67 -4.46
CA ILE A 368 3.74 13.51 -4.14
C ILE A 368 5.21 13.91 -4.31
N GLU A 369 6.01 13.62 -3.28
CA GLU A 369 7.45 13.78 -3.36
C GLU A 369 8.15 12.43 -3.41
N TYR A 370 9.37 12.45 -3.98
CA TYR A 370 10.25 11.30 -4.13
C TYR A 370 11.59 11.60 -3.46
N GLN A 371 12.13 10.61 -2.74
CA GLN A 371 13.52 10.66 -2.30
C GLN A 371 14.17 9.30 -2.51
N ASP A 372 15.46 9.32 -2.88
CA ASP A 372 16.34 8.17 -2.83
C ASP A 372 16.96 8.12 -1.44
N LEU A 373 16.72 7.03 -0.70
CA LEU A 373 17.18 6.89 0.67
C LEU A 373 18.35 5.90 0.75
N THR A 374 18.91 5.49 -0.41
CA THR A 374 20.01 4.54 -0.44
C THR A 374 21.11 4.94 0.55
N PRO A 375 21.49 6.24 0.69
CA PRO A 375 22.51 6.59 1.67
C PRO A 375 22.19 6.13 3.10
N TYR A 376 20.90 6.17 3.49
CA TYR A 376 20.47 5.67 4.79
C TYR A 376 20.64 4.17 4.87
N TYR A 377 20.31 3.46 3.79
CA TYR A 377 20.56 2.02 3.76
C TYR A 377 22.05 1.73 3.97
N SER A 378 22.92 2.51 3.30
CA SER A 378 24.35 2.29 3.47
C SER A 378 24.78 2.45 4.92
N LEU A 379 24.19 3.42 5.64
CA LEU A 379 24.52 3.61 7.03
C LEU A 379 24.15 2.36 7.83
N ILE A 380 22.98 1.79 7.53
CA ILE A 380 22.50 0.60 8.22
C ILE A 380 23.41 -0.57 7.85
N ASN A 381 23.80 -0.67 6.57
CA ASN A 381 24.50 -1.84 6.04
C ASN A 381 25.94 -1.95 6.55
N LYS A 382 26.56 -0.82 6.94
CA LYS A 382 27.82 -0.78 7.68
C LYS A 382 28.99 -1.38 6.89
N GLN A 383 29.19 -0.93 5.64
CA GLN A 383 30.30 -1.40 4.82
CAF 5N6 B . -12.24 0.93 6.44
CAG 5N6 B . -12.44 2.43 6.61
C11 5N6 B . -11.08 3.62 -0.36
C10 5N6 B . -10.82 4.73 0.71
C9 5N6 B . -11.26 4.48 6.34
C8 5N6 B . -9.98 4.92 5.60
C7 5N6 B . -10.25 5.10 4.07
N5 5N6 B . -9.53 4.99 0.98
C5 5N6 B . -9.12 6.06 1.93
C4 5N6 B . -7.78 6.60 1.49
C6 5N6 B . -8.94 5.54 3.37
C3 5N6 B . -7.39 7.87 2.32
C2 5N6 B . -7.98 7.89 3.81
C1 5N6 B . -6.99 8.49 4.89
OBJ 5N6 B . -13.26 2.88 7.42
O9 5N6 B . -11.68 3.21 5.79
O10 5N6 B . -11.75 5.33 1.25
O7 5N6 B . -11.32 6.04 3.85
O8 5N6 B . -9.00 3.90 5.78
O4 5N6 B . -7.83 6.89 0.07
O6 5N6 B . -8.30 6.56 4.24
O1B 5N6 B . -6.28 9.46 4.53
O1A 5N6 B . -7.05 8.03 6.08
O2 5N6 B . -9.12 8.74 3.82
C1 EDO C . 8.57 -19.53 -10.16
O1 EDO C . 8.39 -18.13 -10.05
C2 EDO C . 9.77 -20.07 -9.44
O2 EDO C . 11.01 -19.46 -9.77
C1 EDO D . 2.89 15.38 -13.81
O1 EDO D . 2.54 16.31 -14.85
C2 EDO D . 3.71 15.92 -12.68
O2 EDO D . 3.08 16.98 -11.97
C1 EDO E . 9.74 15.42 15.70
O1 EDO E . 9.91 14.10 15.24
C2 EDO E . 8.86 15.48 16.88
O2 EDO E . 8.97 14.30 17.65
C1 EDO F . -3.82 25.36 -4.22
O1 EDO F . -3.47 23.98 -4.26
C2 EDO F . -3.10 26.19 -5.23
O2 EDO F . -1.77 26.46 -4.85
C1 EDO G . 3.99 -20.26 -8.25
O1 EDO G . 3.48 -19.06 -8.80
C2 EDO G . 4.85 -21.00 -9.23
O2 EDO G . 4.14 -21.57 -10.32
C1 EDO H . 8.00 -6.43 -4.86
O1 EDO H . 7.13 -6.06 -5.91
C2 EDO H . 8.26 -7.89 -4.80
O2 EDO H . 8.78 -8.42 -6.01
C1 EDO I . 17.84 1.80 -16.24
O1 EDO I . 17.99 3.16 -16.58
C2 EDO I . 16.79 1.15 -17.06
O2 EDO I . 15.57 1.87 -17.02
C1 EDO J . 3.44 10.11 19.10
O1 EDO J . 2.62 11.25 19.29
C2 EDO J . 3.23 9.08 20.15
O2 EDO J . 1.91 8.60 20.20
C1 EDO K . -7.55 23.61 -3.82
O1 EDO K . -7.38 23.85 -5.20
C2 EDO K . -7.46 22.16 -3.46
O2 EDO K . -8.38 21.36 -4.17
C1 EDO L . -3.67 -6.51 18.80
O1 EDO L . -4.46 -6.64 19.96
C2 EDO L . -2.78 -5.33 18.91
O2 EDO L . -2.49 -5.13 20.28
C1 EDO M . -27.38 -1.59 -2.57
O1 EDO M . -27.47 -2.39 -3.75
C2 EDO M . -26.01 -1.55 -1.96
O2 EDO M . -25.07 -0.78 -2.71
C1 EDO N . 6.24 19.00 12.74
O1 EDO N . 7.13 19.80 11.99
C2 EDO N . 6.66 18.88 14.15
O2 EDO N . 8.00 18.44 14.28
C1 EDO O . 20.90 -4.13 11.15
O1 EDO O . 21.67 -3.08 11.70
C2 EDO O . 21.68 -5.02 10.25
O2 EDO O . 22.70 -5.71 10.94
C1 EDO P . 23.75 -5.61 0.46
O1 EDO P . 22.48 -5.01 0.62
C2 EDO P . 23.68 -7.07 0.22
O2 EDO P . 22.86 -7.70 1.18
#